data_6UVW
#
_entry.id   6UVW
#
_cell.length_a   75.426
_cell.length_b   82.259
_cell.length_c   167.398
_cell.angle_alpha   90.000
_cell.angle_beta   90.000
_cell.angle_gamma   90.000
#
_symmetry.space_group_name_H-M   'P 21 21 21'
#
loop_
_entity.id
_entity.type
_entity.pdbx_description
1 polymer I-OnuI-e-Therm
2 polymer 'DNA (27-MER)'
3 polymer 'DNA (27-MER)'
4 non-polymer 'CALCIUM ION'
5 water water
#
loop_
_entity_poly.entity_id
_entity_poly.type
_entity_poly.pdbx_seq_one_letter_code
_entity_poly.pdbx_strand_id
1 'polypeptide(L)'
;MASSRRESINPWILTGFADAEGSFLLRIRKNNKSSVGYSTELGFQITLHNKDKSILENIQSTWGVGVIANSGDNAVSLKV
TRFEDLKVIIDHFEKYPLITQKYADYMLFKQAFNVMENKEHLTIEGIKELVRIKAKLNWGLTDELKKAFPEIISKERSLI
NKNIPNFKWLAGFTSGEGCFFVNLIKSKSKLGVQVQLVFSITQHIRDKNLMNSLITYLGCGYIKKKNKSEFSWLDFVVTK
FSDIRDKIIPFFQEYTLIGTKLKDFEDWCKVAKLIEEKKHLTEEGLDEIKKIKLNMNKGRVF
;
A,D
2 'polydeoxyribonucleotide'
;(DG)(DG)(DG)(DT)(DT)(DT)(DC)(DC)(DA)(DC)(DT)(DT)(DA)(DT)(DT)(DC)(DA)(DA)(DC)(DC)
(DT)(DT)(DT)(DT)(DA)(DG)(DG)
;
B,E
3 'polydeoxyribonucleotide'
;(DC)(DC)(DC)(DT)(DA)(DA)(DA)(DA)(DG)(DG)(DT)(DT)(DG)(DA)(DA)(DT)(DA)(DA)(DG)(DT)
(DG)(DG)(DA)(DA)(DA)(DC)(DC)
;
C,F
#
loop_
_chem_comp.id
_chem_comp.type
_chem_comp.name
_chem_comp.formula
CA non-polymer 'CALCIUM ION' 'Ca 2'
DA DNA linking 2'-DEOXYADENOSINE-5'-MONOPHOSPHATE 'C10 H14 N5 O6 P'
DC DNA linking 2'-DEOXYCYTIDINE-5'-MONOPHOSPHATE 'C9 H14 N3 O7 P'
DG DNA linking 2'-DEOXYGUANOSINE-5'-MONOPHOSPHATE 'C10 H14 N5 O7 P'
DT DNA linking THYMIDINE-5'-MONOPHOSPHATE 'C10 H15 N2 O8 P'
#
# COMPACT_ATOMS: atom_id res chain seq x y z
N SER A 8 13.51 -16.80 16.91
CA SER A 8 12.64 -16.62 15.74
C SER A 8 11.46 -15.73 16.09
N ILE A 9 10.90 -15.05 15.09
CA ILE A 9 9.84 -14.08 15.31
C ILE A 9 8.73 -14.29 14.28
N ASN A 10 7.50 -13.95 14.67
CA ASN A 10 6.33 -14.09 13.80
C ASN A 10 6.32 -12.99 12.75
N PRO A 11 5.97 -13.30 11.50
CA PRO A 11 6.09 -12.28 10.44
C PRO A 11 5.17 -11.09 10.64
N TRP A 12 3.96 -11.28 11.16
CA TRP A 12 3.12 -10.12 11.41
C TRP A 12 3.62 -9.34 12.62
N ILE A 13 4.12 -10.05 13.62
CA ILE A 13 4.75 -9.41 14.76
C ILE A 13 5.89 -8.52 14.30
N LEU A 14 6.65 -9.00 13.30
CA LEU A 14 7.83 -8.26 12.85
C LEU A 14 7.45 -7.00 12.09
N THR A 15 6.46 -7.08 11.20
CA THR A 15 6.01 -5.90 10.49
C THR A 15 5.46 -4.84 11.45
N GLY A 16 4.66 -5.27 12.42
CA GLY A 16 4.17 -4.33 13.42
C GLY A 16 5.28 -3.61 14.15
N PHE A 17 6.31 -4.37 14.57
CA PHE A 17 7.47 -3.75 15.19
C PHE A 17 8.18 -2.83 14.23
N ALA A 18 8.29 -3.23 12.96
CA ALA A 18 8.94 -2.39 11.97
C ALA A 18 8.14 -1.13 11.66
N ASP A 19 6.81 -1.16 11.87
CA ASP A 19 6.04 0.08 11.76
C ASP A 19 6.39 1.04 12.88
N ALA A 20 6.61 0.50 14.08
CA ALA A 20 7.00 1.27 15.26
C ALA A 20 8.44 1.73 15.11
N GLU A 21 9.37 0.80 15.25
CA GLU A 21 10.78 1.10 15.12
C GLU A 21 11.13 0.95 13.64
N GLY A 22 12.37 0.65 13.31
CA GLY A 22 12.73 0.48 11.91
C GLY A 22 12.65 1.72 11.04
N SER A 23 13.52 1.73 10.04
CA SER A 23 13.74 2.90 9.22
C SER A 23 14.38 2.45 7.91
N PHE A 24 14.11 3.19 6.84
CA PHE A 24 14.66 2.91 5.53
C PHE A 24 15.64 4.01 5.17
N LEU A 25 16.77 3.62 4.60
CA LEU A 25 17.85 4.56 4.33
C LEU A 25 18.21 4.56 2.86
N LEU A 26 18.49 5.76 2.35
CA LEU A 26 19.06 5.92 1.02
C LEU A 26 20.17 6.96 1.13
N ARG A 27 21.39 6.52 0.87
CA ARG A 27 22.55 7.40 0.94
C ARG A 27 22.97 7.71 -0.48
N ILE A 28 23.15 8.99 -0.77
CA ILE A 28 23.66 9.46 -2.05
C ILE A 28 24.87 10.32 -1.67
N ARG A 29 26.04 9.73 -1.70
CA ARG A 29 27.24 10.34 -1.14
C ARG A 29 28.15 10.79 -2.26
N LYS A 30 28.65 12.02 -2.15
CA LYS A 30 29.64 12.49 -3.09
C LYS A 30 30.89 11.64 -2.91
N ASN A 31 31.44 11.18 -4.02
CA ASN A 31 32.59 10.29 -3.97
C ASN A 31 33.36 10.49 -5.25
N ASN A 32 34.57 11.03 -5.11
CA ASN A 32 35.44 11.28 -6.25
C ASN A 32 35.71 10.00 -7.04
N LYS A 33 35.89 8.87 -6.36
CA LYS A 33 36.25 7.62 -7.03
C LYS A 33 35.10 7.00 -7.80
N SER A 34 33.90 7.58 -7.77
CA SER A 34 32.80 7.09 -8.58
C SER A 34 32.75 7.85 -9.90
N SER A 35 32.36 7.13 -10.96
CA SER A 35 32.39 7.74 -12.29
C SER A 35 31.39 8.89 -12.39
N VAL A 36 30.20 8.71 -11.84
CA VAL A 36 29.19 9.75 -11.90
C VAL A 36 29.33 10.68 -10.71
N GLY A 37 30.40 10.51 -9.93
CA GLY A 37 30.68 11.38 -8.81
C GLY A 37 29.89 11.11 -7.55
N TYR A 38 29.04 10.09 -7.54
CA TYR A 38 28.26 9.74 -6.36
C TYR A 38 28.22 8.22 -6.23
N SER A 39 28.23 7.76 -4.98
CA SER A 39 28.00 6.36 -4.67
C SER A 39 26.74 6.26 -3.82
N THR A 40 26.11 5.09 -3.85
CA THR A 40 24.84 4.92 -3.17
C THR A 40 24.94 3.83 -2.12
N GLU A 41 24.05 3.93 -1.14
CA GLU A 41 23.89 2.89 -0.12
C GLU A 41 22.42 2.86 0.24
N LEU A 42 21.82 1.66 0.19
CA LEU A 42 20.39 1.48 0.37
C LEU A 42 20.17 0.39 1.41
N GLY A 43 19.15 0.55 2.25
CA GLY A 43 18.85 -0.52 3.17
C GLY A 43 17.82 -0.13 4.22
N PHE A 44 17.71 -1.00 5.21
CA PHE A 44 16.71 -0.92 6.27
C PHE A 44 17.40 -1.17 7.60
N GLN A 45 17.02 -0.42 8.63
CA GLN A 45 17.75 -0.48 9.89
C GLN A 45 16.81 -0.26 11.06
N ILE A 46 17.17 -0.86 12.20
CA ILE A 46 16.47 -0.66 13.46
C ILE A 46 17.51 -0.38 14.55
N THR A 47 17.25 0.63 15.38
CA THR A 47 18.15 0.97 16.47
C THR A 47 17.36 0.98 17.76
N LEU A 48 17.69 0.05 18.66
CA LEU A 48 17.07 -0.07 19.97
C LEU A 48 18.11 0.07 21.07
N HIS A 49 17.61 0.17 22.30
CA HIS A 49 18.48 0.18 23.47
C HIS A 49 19.16 -1.18 23.60
N ASN A 50 20.36 -1.18 24.20
CA ASN A 50 21.04 -2.44 24.47
C ASN A 50 20.12 -3.42 25.18
N LYS A 51 19.25 -2.91 26.04
CA LYS A 51 18.16 -3.61 26.70
C LYS A 51 17.54 -4.68 25.80
N ASP A 52 17.22 -4.31 24.56
CA ASP A 52 16.44 -5.15 23.66
C ASP A 52 17.25 -5.65 22.47
N LYS A 53 18.55 -5.87 22.64
CA LYS A 53 19.33 -6.46 21.55
C LYS A 53 18.83 -7.85 21.15
N SER A 54 18.13 -8.55 22.06
CA SER A 54 17.60 -9.87 21.71
C SER A 54 16.62 -9.79 20.55
N ILE A 55 15.86 -8.70 20.45
CA ILE A 55 14.91 -8.55 19.34
C ILE A 55 15.66 -8.57 18.02
N LEU A 56 16.75 -7.80 17.92
CA LEU A 56 17.46 -7.73 16.66
C LEU A 56 18.24 -9.00 16.37
N GLU A 57 18.51 -9.83 17.38
CA GLU A 57 19.10 -11.13 17.11
C GLU A 57 18.06 -12.12 16.58
N ASN A 58 16.83 -12.03 17.08
CA ASN A 58 15.78 -12.90 16.59
C ASN A 58 15.39 -12.52 15.16
N ILE A 59 15.40 -11.22 14.85
CA ILE A 59 15.09 -10.78 13.49
C ILE A 59 16.19 -11.20 12.54
N GLN A 60 17.45 -10.97 12.93
CA GLN A 60 18.58 -11.40 12.12
C GLN A 60 18.55 -12.90 11.87
N SER A 61 18.08 -13.67 12.85
CA SER A 61 18.04 -15.12 12.69
C SER A 61 16.85 -15.56 11.84
N THR A 62 15.72 -14.86 11.93
CA THR A 62 14.56 -15.24 11.13
C THR A 62 14.76 -14.91 9.67
N TRP A 63 15.39 -13.77 9.38
CA TRP A 63 15.68 -13.39 8.00
C TRP A 63 16.97 -13.99 7.50
N GLY A 64 17.86 -14.41 8.40
CA GLY A 64 19.17 -14.85 7.97
C GLY A 64 20.02 -13.76 7.38
N VAL A 65 19.67 -12.50 7.64
CA VAL A 65 20.33 -11.33 7.06
C VAL A 65 20.45 -10.26 8.14
N GLY A 66 21.35 -9.30 7.91
CA GLY A 66 21.56 -8.14 8.75
C GLY A 66 22.85 -8.26 9.55
N VAL A 67 23.48 -7.12 9.81
CA VAL A 67 24.64 -7.08 10.72
C VAL A 67 24.23 -6.22 11.91
N ILE A 68 24.66 -6.64 13.11
CA ILE A 68 24.33 -5.97 14.36
C ILE A 68 25.60 -5.33 14.93
N ALA A 69 25.47 -4.10 15.42
CA ALA A 69 26.63 -3.36 15.91
C ALA A 69 26.15 -2.32 16.90
N ASN A 70 27.03 -1.94 17.81
CA ASN A 70 26.70 -0.91 18.78
C ASN A 70 26.37 0.39 18.05
N SER A 71 25.33 1.06 18.50
CA SER A 71 25.00 2.40 18.02
C SER A 71 25.31 3.44 19.09
N GLY A 72 26.46 3.31 19.74
CA GLY A 72 26.82 4.10 20.89
C GLY A 72 26.90 3.25 22.14
N ASP A 73 26.95 3.94 23.29
CA ASP A 73 27.09 3.21 24.55
C ASP A 73 25.78 2.58 25.00
N ASN A 74 24.64 3.22 24.73
CA ASN A 74 23.35 2.76 25.22
C ASN A 74 22.47 2.12 24.15
N ALA A 75 22.94 2.00 22.90
CA ALA A 75 22.08 1.57 21.81
C ALA A 75 22.75 0.54 20.93
N VAL A 76 21.93 -0.36 20.40
CA VAL A 76 22.35 -1.43 19.50
C VAL A 76 21.58 -1.30 18.20
N SER A 77 22.25 -1.58 17.08
CA SER A 77 21.67 -1.37 15.76
C SER A 77 21.63 -2.67 14.96
N LEU A 78 20.55 -2.84 14.20
CA LEU A 78 20.45 -3.88 13.18
C LEU A 78 20.29 -3.21 11.83
N LYS A 79 21.28 -3.39 10.96
CA LYS A 79 21.31 -2.75 9.65
C LYS A 79 21.43 -3.80 8.56
N VAL A 80 20.67 -3.60 7.49
CA VAL A 80 20.67 -4.47 6.31
C VAL A 80 20.94 -3.57 5.11
N THR A 81 22.11 -3.71 4.49
CA THR A 81 22.48 -2.83 3.39
C THR A 81 22.92 -3.61 2.17
N ARG A 82 23.53 -4.78 2.39
CA ARG A 82 23.99 -5.60 1.27
C ARG A 82 22.87 -5.76 0.27
N PHE A 83 23.12 -5.30 -0.96
CA PHE A 83 22.04 -5.11 -1.92
C PHE A 83 21.30 -6.42 -2.19
N GLU A 84 22.03 -7.52 -2.35
CA GLU A 84 21.37 -8.79 -2.60
C GLU A 84 20.48 -9.19 -1.42
N ASP A 85 20.83 -8.72 -0.22
CA ASP A 85 20.10 -9.06 0.99
C ASP A 85 18.80 -8.29 1.14
N LEU A 86 18.62 -7.19 0.42
CA LEU A 86 17.38 -6.44 0.53
C LEU A 86 16.22 -7.14 -0.15
N LYS A 87 16.49 -8.14 -1.00
CA LYS A 87 15.40 -8.95 -1.54
C LYS A 87 14.66 -9.68 -0.43
N VAL A 88 15.39 -10.15 0.58
CA VAL A 88 14.73 -10.78 1.72
C VAL A 88 13.87 -9.77 2.46
N ILE A 89 14.33 -8.53 2.55
CA ILE A 89 13.52 -7.47 3.18
C ILE A 89 12.26 -7.22 2.36
N ILE A 90 12.43 -7.03 1.05
CA ILE A 90 11.31 -6.68 0.20
C ILE A 90 10.33 -7.83 0.10
N ASP A 91 10.83 -9.07 0.02
CA ASP A 91 9.92 -10.21 -0.07
C ASP A 91 9.01 -10.30 1.15
N HIS A 92 9.55 -10.00 2.34
CA HIS A 92 8.74 -10.05 3.55
C HIS A 92 7.69 -8.93 3.57
N PHE A 93 8.09 -7.71 3.24
CA PHE A 93 7.17 -6.60 3.31
C PHE A 93 6.17 -6.59 2.16
N GLU A 94 6.43 -7.31 1.07
CA GLU A 94 5.41 -7.48 0.05
C GLU A 94 4.31 -8.43 0.51
N LYS A 95 4.68 -9.45 1.28
CA LYS A 95 3.68 -10.37 1.84
C LYS A 95 3.07 -9.82 3.13
N TYR A 96 3.79 -8.99 3.86
CA TYR A 96 3.34 -8.45 5.15
C TYR A 96 3.62 -6.96 5.20
N PRO A 97 2.78 -6.15 4.55
CA PRO A 97 3.12 -4.73 4.34
C PRO A 97 2.91 -3.88 5.58
N LEU A 98 3.72 -2.83 5.65
CA LEU A 98 3.56 -1.81 6.68
C LEU A 98 2.28 -1.01 6.43
N ILE A 99 1.73 -0.43 7.49
CA ILE A 99 0.46 0.29 7.38
C ILE A 99 0.57 1.72 7.90
N THR A 100 1.69 2.06 8.53
CA THR A 100 1.88 3.45 8.95
C THR A 100 2.34 4.29 7.77
N GLN A 101 2.61 5.58 8.03
CA GLN A 101 3.16 6.42 6.97
C GLN A 101 4.54 5.95 6.53
N LYS A 102 5.20 5.12 7.33
CA LYS A 102 6.47 4.53 6.91
C LYS A 102 6.31 3.66 5.68
N TYR A 103 5.10 3.17 5.41
CA TYR A 103 4.86 2.39 4.20
C TYR A 103 5.26 3.18 2.96
N ALA A 104 5.04 4.49 2.97
CA ALA A 104 5.50 5.32 1.86
C ALA A 104 7.02 5.34 1.78
N ASP A 105 7.69 5.49 2.93
CA ASP A 105 9.15 5.42 2.95
C ASP A 105 9.63 4.09 2.39
N TYR A 106 8.90 3.01 2.70
CA TYR A 106 9.25 1.70 2.17
C TYR A 106 9.12 1.65 0.65
N MET A 107 8.06 2.23 0.10
CA MET A 107 7.85 2.14 -1.35
C MET A 107 8.90 2.95 -2.10
N LEU A 108 9.28 4.11 -1.58
CA LEU A 108 10.41 4.85 -2.11
C LEU A 108 11.67 3.99 -2.07
N PHE A 109 11.89 3.33 -0.93
CA PHE A 109 13.02 2.40 -0.80
C PHE A 109 12.96 1.30 -1.86
N LYS A 110 11.77 0.76 -2.11
CA LYS A 110 11.65 -0.27 -3.14
C LYS A 110 11.90 0.34 -4.53
N GLN A 111 11.42 1.55 -4.76
CA GLN A 111 11.71 2.23 -6.03
C GLN A 111 13.22 2.40 -6.21
N ALA A 112 13.93 2.79 -5.14
CA ALA A 112 15.38 2.89 -5.22
C ALA A 112 16.01 1.54 -5.51
N PHE A 113 15.42 0.46 -4.99
CA PHE A 113 15.95 -0.87 -5.27
C PHE A 113 15.92 -1.17 -6.76
N ASN A 114 14.81 -0.87 -7.43
CA ASN A 114 14.72 -1.13 -8.86
C ASN A 114 15.73 -0.30 -9.64
N VAL A 115 15.91 0.97 -9.26
CA VAL A 115 16.99 1.79 -9.81
C VAL A 115 18.31 1.02 -9.75
N MET A 116 18.75 0.68 -8.53
CA MET A 116 20.06 0.06 -8.37
C MET A 116 20.12 -1.34 -8.97
N GLU A 117 19.00 -2.07 -8.95
CA GLU A 117 18.98 -3.40 -9.56
C GLU A 117 19.28 -3.33 -11.05
N ASN A 118 18.71 -2.35 -11.73
CA ASN A 118 18.98 -2.11 -13.15
C ASN A 118 20.30 -1.39 -13.38
N LYS A 119 21.17 -1.34 -12.37
CA LYS A 119 22.50 -0.73 -12.44
C LYS A 119 22.44 0.73 -12.87
N GLU A 120 21.28 1.38 -12.75
CA GLU A 120 21.14 2.76 -13.18
C GLU A 120 21.79 3.75 -12.23
N HIS A 121 22.12 3.32 -11.01
CA HIS A 121 22.80 4.20 -10.06
C HIS A 121 24.21 4.55 -10.50
N LEU A 122 24.77 3.79 -11.45
CA LEU A 122 26.07 4.10 -12.04
C LEU A 122 25.97 5.06 -13.23
N THR A 123 24.79 5.64 -13.44
CA THR A 123 24.58 6.65 -14.47
C THR A 123 24.15 7.95 -13.79
N ILE A 124 24.52 9.08 -14.39
CA ILE A 124 24.13 10.36 -13.81
C ILE A 124 22.62 10.50 -13.73
N GLU A 125 21.91 9.99 -14.74
CA GLU A 125 20.45 10.05 -14.74
C GLU A 125 19.86 9.19 -13.62
N GLY A 126 20.46 8.03 -13.36
CA GLY A 126 19.99 7.21 -12.26
C GLY A 126 20.24 7.85 -10.91
N ILE A 127 21.34 8.59 -10.77
CA ILE A 127 21.56 9.37 -9.57
C ILE A 127 20.49 10.44 -9.42
N LYS A 128 20.08 11.03 -10.55
CA LYS A 128 19.06 12.08 -10.51
C LYS A 128 17.71 11.51 -10.05
N GLU A 129 17.33 10.34 -10.55
CA GLU A 129 16.10 9.72 -10.07
C GLU A 129 16.20 9.35 -8.60
N LEU A 130 17.38 8.91 -8.15
CA LEU A 130 17.57 8.59 -6.74
C LEU A 130 17.47 9.84 -5.88
N VAL A 131 17.95 10.98 -6.37
CA VAL A 131 17.78 12.22 -5.63
C VAL A 131 16.32 12.63 -5.61
N ARG A 132 15.57 12.28 -6.66
CA ARG A 132 14.14 12.56 -6.63
C ARG A 132 13.42 11.63 -5.67
N ILE A 133 13.90 10.39 -5.54
CA ILE A 133 13.32 9.48 -4.55
C ILE A 133 13.68 9.91 -3.15
N LYS A 134 14.92 10.36 -2.97
CA LYS A 134 15.38 10.79 -1.65
C LYS A 134 14.64 12.03 -1.17
N ALA A 135 14.22 12.89 -2.09
CA ALA A 135 13.57 14.14 -1.71
C ALA A 135 12.28 13.89 -0.95
N LYS A 136 11.60 12.78 -1.22
CA LYS A 136 10.38 12.43 -0.52
C LYS A 136 10.60 11.46 0.63
N LEU A 137 11.81 10.93 0.79
CA LEU A 137 12.07 9.90 1.78
C LEU A 137 12.53 10.52 3.10
N ASN A 138 11.86 10.15 4.19
CA ASN A 138 12.21 10.56 5.56
C ASN A 138 12.39 12.07 5.59
N TRP A 139 13.53 12.58 6.04
CA TRP A 139 13.74 14.03 6.16
C TRP A 139 14.17 14.67 4.86
N GLY A 140 14.12 13.94 3.74
CA GLY A 140 14.36 14.57 2.46
C GLY A 140 15.83 14.77 2.15
N LEU A 141 16.11 15.79 1.33
CA LEU A 141 17.45 16.02 0.83
C LEU A 141 18.32 16.75 1.84
N THR A 142 19.61 16.46 1.79
CA THR A 142 20.60 17.20 2.56
C THR A 142 20.83 18.56 1.92
N ASP A 143 21.41 19.47 2.71
CA ASP A 143 21.87 20.74 2.16
C ASP A 143 22.82 20.51 0.98
N GLU A 144 23.74 19.54 1.12
CA GLU A 144 24.68 19.26 0.05
C GLU A 144 23.98 18.77 -1.20
N LEU A 145 22.98 17.88 -1.05
CA LEU A 145 22.26 17.37 -2.21
C LEU A 145 21.31 18.41 -2.78
N LYS A 146 20.78 19.30 -1.94
CA LYS A 146 19.99 20.41 -2.46
C LYS A 146 20.85 21.34 -3.30
N LYS A 147 22.07 21.62 -2.82
CA LYS A 147 22.96 22.51 -3.56
C LYS A 147 23.39 21.88 -4.88
N ALA A 148 23.70 20.58 -4.86
CA ALA A 148 24.14 19.90 -6.08
C ALA A 148 23.00 19.67 -7.07
N PHE A 149 21.76 19.62 -6.59
CA PHE A 149 20.58 19.37 -7.42
C PHE A 149 19.52 20.40 -7.05
N PRO A 150 19.65 21.64 -7.53
CA PRO A 150 18.65 22.66 -7.21
C PRO A 150 17.32 22.45 -7.91
N GLU A 151 17.25 21.52 -8.87
CA GLU A 151 16.01 21.29 -9.60
C GLU A 151 15.08 20.29 -8.91
N ILE A 152 15.56 19.56 -7.90
CA ILE A 152 14.74 18.56 -7.22
C ILE A 152 14.05 19.25 -6.05
N ILE A 153 12.72 19.38 -6.13
CA ILE A 153 11.99 20.26 -5.23
C ILE A 153 10.81 19.53 -4.56
N SER A 154 10.23 18.54 -5.23
CA SER A 154 9.04 17.88 -4.70
C SER A 154 9.37 17.10 -3.44
N LYS A 155 8.83 17.54 -2.30
CA LYS A 155 8.78 16.76 -1.07
C LYS A 155 7.42 16.09 -0.88
N GLU A 156 6.75 15.82 -1.99
CA GLU A 156 5.39 15.32 -1.97
C GLU A 156 5.36 13.89 -1.44
N ARG A 157 4.60 13.69 -0.37
CA ARG A 157 4.47 12.39 0.29
C ARG A 157 3.13 11.78 -0.13
N SER A 158 3.16 10.50 -0.50
CA SER A 158 1.89 9.81 -0.70
C SER A 158 1.22 9.62 0.66
N LEU A 159 -0.10 9.59 0.65
CA LEU A 159 -0.87 9.43 1.87
C LEU A 159 -1.19 7.96 2.06
N ILE A 160 -0.86 7.44 3.24
CA ILE A 160 -1.05 6.03 3.53
C ILE A 160 -2.26 5.90 4.45
N ASN A 161 -3.14 4.97 4.12
CA ASN A 161 -4.34 4.70 4.92
C ASN A 161 -4.69 3.23 4.74
N LYS A 162 -4.28 2.41 5.71
CA LYS A 162 -4.63 0.99 5.74
C LYS A 162 -5.18 0.63 7.11
N ASN A 163 -5.96 -0.44 7.13
CA ASN A 163 -6.48 -1.00 8.37
C ASN A 163 -5.47 -1.95 8.98
N ILE A 164 -5.61 -2.20 10.29
CA ILE A 164 -4.75 -3.16 10.97
C ILE A 164 -5.00 -4.53 10.36
N PRO A 165 -3.99 -5.13 9.71
CA PRO A 165 -4.23 -6.35 8.93
C PRO A 165 -4.30 -7.63 9.75
N ASN A 166 -3.88 -7.61 11.01
CA ASN A 166 -3.76 -8.84 11.78
C ASN A 166 -3.65 -8.48 13.26
N PHE A 167 -4.13 -9.39 14.10
CA PHE A 167 -3.97 -9.20 15.54
C PHE A 167 -2.49 -9.16 15.92
N LYS A 168 -1.69 -10.04 15.32
CA LYS A 168 -0.28 -10.07 15.64
C LYS A 168 0.42 -8.77 15.24
N TRP A 169 -0.12 -8.03 14.25
CA TRP A 169 0.46 -6.75 13.90
C TRP A 169 0.41 -5.78 15.08
N LEU A 170 -0.76 -5.64 15.71
CA LEU A 170 -0.88 -4.74 16.85
C LEU A 170 0.04 -5.17 17.99
N ALA A 171 0.24 -6.48 18.16
CA ALA A 171 1.14 -6.96 19.19
C ALA A 171 2.57 -6.54 18.92
N GLY A 172 2.98 -6.51 17.65
CA GLY A 172 4.32 -6.03 17.32
C GLY A 172 4.43 -4.52 17.46
N PHE A 173 3.39 -3.79 17.04
CA PHE A 173 3.38 -2.34 17.20
C PHE A 173 3.40 -1.94 18.67
N THR A 174 2.63 -2.65 19.50
CA THR A 174 2.61 -2.33 20.93
C THR A 174 3.93 -2.70 21.59
N SER A 175 4.65 -3.67 21.03
CA SER A 175 5.99 -3.95 21.55
C SER A 175 6.91 -2.76 21.34
N GLY A 176 6.62 -1.90 20.37
CA GLY A 176 7.41 -0.72 20.13
C GLY A 176 6.91 0.54 20.79
N GLU A 177 5.69 0.98 20.46
CA GLU A 177 5.14 2.22 20.96
C GLU A 177 4.20 2.04 22.16
N GLY A 178 4.12 0.85 22.73
CA GLY A 178 3.23 0.64 23.85
C GLY A 178 3.88 0.98 25.20
N CYS A 179 3.02 1.22 26.18
CA CYS A 179 3.47 1.53 27.54
C CYS A 179 2.44 1.01 28.52
N PHE A 180 2.90 0.17 29.46
CA PHE A 180 2.06 -0.35 30.53
C PHE A 180 2.46 0.36 31.82
N PHE A 181 1.61 1.30 32.26
CA PHE A 181 1.97 2.23 33.32
C PHE A 181 1.02 2.07 34.49
N VAL A 182 1.58 2.19 35.70
CA VAL A 182 0.82 2.17 36.94
C VAL A 182 0.89 3.57 37.53
N ASN A 183 -0.23 4.28 37.48
CA ASN A 183 -0.29 5.64 37.99
C ASN A 183 -0.74 5.65 39.44
N LEU A 184 -0.21 6.61 40.21
CA LEU A 184 -0.48 6.75 41.64
C LEU A 184 -1.04 8.16 41.86
N ILE A 185 -2.36 8.28 41.84
CA ILE A 185 -3.03 9.57 41.94
C ILE A 185 -3.08 9.95 43.43
N LYS A 186 -2.22 10.89 43.80
CA LYS A 186 -2.09 11.29 45.20
C LYS A 186 -3.22 12.22 45.61
N SER A 187 -3.80 11.96 46.78
CA SER A 187 -4.88 12.76 47.32
C SER A 187 -4.74 12.80 48.85
N LYS A 188 -5.64 13.53 49.49
CA LYS A 188 -5.68 13.62 50.95
C LYS A 188 -6.49 12.49 51.58
N SER A 189 -6.48 11.31 50.97
CA SER A 189 -7.26 10.18 51.45
C SER A 189 -6.52 9.46 52.58
N LYS A 190 -7.17 8.44 53.14
CA LYS A 190 -6.53 7.63 54.17
C LYS A 190 -5.32 6.91 53.60
N LEU A 191 -5.47 6.25 52.43
CA LEU A 191 -4.31 5.66 51.77
C LEU A 191 -3.43 6.75 51.16
N GLY A 192 -4.03 7.80 50.63
CA GLY A 192 -3.32 8.92 50.06
C GLY A 192 -3.17 8.85 48.55
N VAL A 193 -3.20 7.64 47.97
CA VAL A 193 -2.99 7.45 46.54
C VAL A 193 -4.10 6.57 45.97
N GLN A 194 -4.52 6.87 44.75
CA GLN A 194 -5.40 6.00 43.97
C GLN A 194 -4.60 5.34 42.85
N VAL A 195 -4.67 4.01 42.77
CA VAL A 195 -3.94 3.25 41.76
C VAL A 195 -4.77 3.17 40.50
N GLN A 196 -4.19 3.62 39.38
CA GLN A 196 -4.89 3.62 38.11
C GLN A 196 -3.98 2.99 37.07
N LEU A 197 -4.43 1.89 36.49
CA LEU A 197 -3.72 1.27 35.38
C LEU A 197 -3.99 2.05 34.11
N VAL A 198 -2.93 2.36 33.37
CA VAL A 198 -3.03 3.10 32.12
C VAL A 198 -2.30 2.31 31.04
N PHE A 199 -2.96 2.12 29.90
CA PHE A 199 -2.34 1.55 28.72
C PHE A 199 -2.34 2.61 27.64
N SER A 200 -1.16 2.89 27.09
CA SER A 200 -1.00 3.95 26.11
C SER A 200 -0.24 3.43 24.90
N ILE A 201 -0.59 3.96 23.74
CA ILE A 201 0.16 3.79 22.50
C ILE A 201 0.38 5.16 21.91
N THR A 202 1.64 5.49 21.63
CA THR A 202 2.02 6.85 21.25
C THR A 202 2.41 6.88 19.79
N GLN A 203 2.05 7.98 19.11
CA GLN A 203 2.38 8.12 17.70
C GLN A 203 2.18 9.57 17.27
N HIS A 204 3.02 10.00 16.34
CA HIS A 204 2.89 11.31 15.72
C HIS A 204 1.51 11.48 15.10
N ILE A 205 1.12 12.73 14.88
CA ILE A 205 -0.20 13.00 14.31
C ILE A 205 -0.22 12.61 12.83
N ARG A 206 0.92 12.11 12.32
CA ARG A 206 0.94 11.61 10.94
C ARG A 206 -0.08 10.51 10.74
N ASP A 207 -0.33 9.71 11.78
CA ASP A 207 -1.23 8.58 11.66
C ASP A 207 -2.44 8.72 12.58
N LYS A 208 -3.08 9.89 12.53
CA LYS A 208 -4.23 10.13 13.40
C LYS A 208 -5.32 9.09 13.15
N ASN A 209 -5.61 8.82 11.87
CA ASN A 209 -6.67 7.89 11.55
C ASN A 209 -6.35 6.47 11.98
N LEU A 210 -5.09 6.07 11.93
CA LEU A 210 -4.73 4.77 12.48
C LEU A 210 -4.86 4.74 13.99
N MET A 211 -4.50 5.84 14.66
CA MET A 211 -4.65 5.90 16.10
C MET A 211 -6.12 5.89 16.51
N ASN A 212 -6.97 6.63 15.79
CA ASN A 212 -8.40 6.59 16.07
C ASN A 212 -8.96 5.20 15.89
N SER A 213 -8.51 4.48 14.86
CA SER A 213 -9.03 3.16 14.55
C SER A 213 -8.82 2.16 15.68
N LEU A 214 -7.87 2.42 16.58
CA LEU A 214 -7.65 1.53 17.72
C LEU A 214 -8.88 1.48 18.61
N ILE A 215 -9.63 2.58 18.71
CA ILE A 215 -10.81 2.61 19.57
C ILE A 215 -11.84 1.59 19.09
N THR A 216 -12.01 1.47 17.78
CA THR A 216 -12.89 0.44 17.24
C THR A 216 -12.23 -0.94 17.29
N TYR A 217 -10.93 -1.00 16.98
CA TYR A 217 -10.25 -2.28 16.91
C TYR A 217 -10.28 -2.99 18.26
N LEU A 218 -10.03 -2.27 19.35
CA LEU A 218 -9.99 -2.87 20.68
C LEU A 218 -11.25 -2.60 21.49
N GLY A 219 -12.20 -1.85 20.96
CA GLY A 219 -13.46 -1.63 21.65
C GLY A 219 -13.36 -0.85 22.95
N CYS A 220 -12.38 0.04 23.07
CA CYS A 220 -12.20 0.85 24.25
C CYS A 220 -11.17 1.93 23.95
N GLY A 221 -10.99 2.83 24.91
CA GLY A 221 -9.95 3.84 24.84
C GLY A 221 -10.42 5.15 24.28
N TYR A 222 -9.49 6.09 24.21
CA TYR A 222 -9.71 7.41 23.64
C TYR A 222 -8.36 7.98 23.22
N ILE A 223 -8.40 9.14 22.56
CA ILE A 223 -7.21 9.76 21.99
C ILE A 223 -6.90 11.03 22.76
N LYS A 224 -5.64 11.19 23.16
CA LYS A 224 -5.17 12.40 23.85
C LYS A 224 -4.09 13.04 23.00
N LYS A 225 -4.24 14.34 22.74
CA LYS A 225 -3.29 15.11 21.93
C LYS A 225 -2.30 15.83 22.84
N LYS A 226 -1.02 15.59 22.63
CA LYS A 226 0.04 16.25 23.37
C LYS A 226 0.93 17.04 22.41
N ASN A 227 1.70 17.97 22.97
CA ASN A 227 2.55 18.81 22.13
C ASN A 227 3.71 19.36 22.95
N LYS A 228 4.80 19.69 22.26
CA LYS A 228 5.96 20.32 22.89
C LYS A 228 6.58 21.26 21.86
N SER A 229 6.29 22.55 22.00
CA SER A 229 6.79 23.59 21.09
C SER A 229 6.25 23.28 19.70
N GLU A 230 7.08 23.16 18.67
CA GLU A 230 6.61 22.94 17.30
C GLU A 230 6.06 21.54 17.09
N PHE A 231 6.45 20.57 17.91
CA PHE A 231 6.08 19.18 17.69
C PHE A 231 4.84 18.81 18.50
N SER A 232 4.12 17.81 18.01
CA SER A 232 2.90 17.33 18.66
C SER A 232 2.66 15.89 18.24
N TRP A 233 2.06 15.11 19.13
CA TRP A 233 1.81 13.70 18.89
C TRP A 233 0.45 13.33 19.51
N LEU A 234 0.13 12.04 19.47
CA LEU A 234 -1.13 11.53 19.99
C LEU A 234 -0.85 10.36 20.92
N ASP A 235 -1.90 9.95 21.64
CA ASP A 235 -1.82 8.82 22.54
C ASP A 235 -3.17 8.12 22.55
N PHE A 236 -3.17 6.83 22.23
CA PHE A 236 -4.36 6.01 22.45
C PHE A 236 -4.33 5.53 23.90
N VAL A 237 -5.33 5.93 24.68
CA VAL A 237 -5.29 5.80 26.13
C VAL A 237 -6.47 4.97 26.60
N VAL A 238 -6.19 4.01 27.47
CA VAL A 238 -7.23 3.25 28.16
C VAL A 238 -7.01 3.42 29.66
N THR A 239 -8.02 3.95 30.35
CA THR A 239 -7.97 4.13 31.79
C THR A 239 -9.08 3.43 32.56
N LYS A 240 -10.20 3.10 31.91
CA LYS A 240 -11.24 2.33 32.57
C LYS A 240 -10.75 0.92 32.85
N PHE A 241 -10.86 0.48 34.10
CA PHE A 241 -10.26 -0.79 34.49
C PHE A 241 -10.97 -1.98 33.86
N SER A 242 -12.29 -1.90 33.66
CA SER A 242 -13.00 -3.04 33.11
C SER A 242 -12.54 -3.32 31.68
N ASP A 243 -12.26 -2.27 30.90
CA ASP A 243 -11.72 -2.49 29.57
C ASP A 243 -10.31 -3.07 29.63
N ILE A 244 -9.48 -2.62 30.58
CA ILE A 244 -8.12 -3.13 30.70
C ILE A 244 -8.14 -4.60 31.10
N ARG A 245 -9.05 -4.97 32.01
CA ARG A 245 -9.10 -6.33 32.51
C ARG A 245 -9.79 -7.28 31.53
N ASP A 246 -10.82 -6.81 30.81
CA ASP A 246 -11.58 -7.67 29.92
C ASP A 246 -11.09 -7.66 28.49
N LYS A 247 -10.40 -6.60 28.05
CA LYS A 247 -10.00 -6.48 26.65
C LYS A 247 -8.49 -6.40 26.49
N ILE A 248 -7.82 -5.42 27.11
CA ILE A 248 -6.40 -5.19 26.84
C ILE A 248 -5.56 -6.38 27.28
N ILE A 249 -5.69 -6.79 28.54
CA ILE A 249 -4.88 -7.90 29.05
C ILE A 249 -5.17 -9.21 28.33
N PRO A 250 -6.43 -9.61 28.13
CA PRO A 250 -6.67 -10.85 27.36
C PRO A 250 -6.16 -10.77 25.92
N PHE A 251 -6.17 -9.58 25.32
CA PHE A 251 -5.64 -9.44 23.96
C PHE A 251 -4.17 -9.83 23.92
N PHE A 252 -3.34 -9.14 24.71
CA PHE A 252 -1.91 -9.39 24.69
C PHE A 252 -1.52 -10.68 25.39
N GLN A 253 -2.41 -11.28 26.17
CA GLN A 253 -2.11 -12.60 26.71
C GLN A 253 -2.19 -13.68 25.63
N GLU A 254 -3.00 -13.46 24.60
CA GLU A 254 -3.10 -14.41 23.50
C GLU A 254 -2.22 -14.05 22.32
N TYR A 255 -1.91 -12.77 22.13
CA TYR A 255 -0.96 -12.32 21.11
C TYR A 255 0.23 -11.74 21.86
N THR A 256 1.22 -12.58 22.12
CA THR A 256 2.30 -12.23 23.03
C THR A 256 3.14 -11.09 22.47
N LEU A 257 3.59 -10.22 23.36
CA LEU A 257 4.52 -9.17 23.01
C LEU A 257 5.95 -9.71 23.03
N ILE A 258 6.89 -8.88 22.57
CA ILE A 258 8.29 -9.26 22.51
C ILE A 258 9.15 -8.18 23.17
N GLY A 259 10.36 -8.58 23.54
CA GLY A 259 11.31 -7.67 24.13
C GLY A 259 11.12 -7.47 25.61
N THR A 260 11.90 -6.53 26.15
CA THR A 260 11.84 -6.24 27.58
C THR A 260 10.47 -5.70 27.98
N LYS A 261 9.76 -5.07 27.03
CA LYS A 261 8.43 -4.54 27.33
C LYS A 261 7.46 -5.64 27.74
N LEU A 262 7.72 -6.89 27.35
CA LEU A 262 6.86 -7.97 27.81
C LEU A 262 6.91 -8.11 29.33
N LYS A 263 8.11 -8.05 29.92
CA LYS A 263 8.22 -8.18 31.37
C LYS A 263 7.42 -7.09 32.08
N ASP A 264 7.36 -5.89 31.51
CA ASP A 264 6.53 -4.83 32.09
C ASP A 264 5.06 -5.16 31.97
N PHE A 265 4.65 -5.86 30.92
CA PHE A 265 3.26 -6.25 30.80
C PHE A 265 2.90 -7.30 31.85
N GLU A 266 3.81 -8.25 32.10
CA GLU A 266 3.53 -9.27 33.10
C GLU A 266 3.38 -8.66 34.49
N ASP A 267 4.23 -7.68 34.83
CA ASP A 267 4.07 -6.97 36.09
C ASP A 267 2.79 -6.14 36.09
N TRP A 268 2.43 -5.57 34.94
CA TRP A 268 1.18 -4.84 34.82
C TRP A 268 0.00 -5.73 35.16
N CYS A 269 0.02 -6.99 34.71
CA CYS A 269 -1.05 -7.92 35.04
C CYS A 269 -1.04 -8.28 36.51
N LYS A 270 0.16 -8.36 37.12
CA LYS A 270 0.24 -8.62 38.54
C LYS A 270 -0.46 -7.54 39.34
N VAL A 271 -0.25 -6.27 38.97
CA VAL A 271 -0.99 -5.19 39.61
C VAL A 271 -2.48 -5.29 39.28
N ALA A 272 -2.82 -5.76 38.07
CA ALA A 272 -4.22 -5.88 37.69
C ALA A 272 -4.94 -6.91 38.54
N LYS A 273 -4.30 -8.04 38.82
CA LYS A 273 -4.92 -9.03 39.69
C LYS A 273 -5.15 -8.46 41.10
N LEU A 274 -4.22 -7.63 41.57
CA LEU A 274 -4.35 -7.08 42.92
C LEU A 274 -5.48 -6.06 43.01
N ILE A 275 -5.63 -5.21 42.00
CA ILE A 275 -6.73 -4.23 42.05
C ILE A 275 -8.07 -4.92 41.84
N GLU A 276 -8.10 -5.93 40.96
CA GLU A 276 -9.34 -6.70 40.79
C GLU A 276 -9.81 -7.30 42.10
N GLU A 277 -8.88 -7.71 42.96
CA GLU A 277 -9.22 -8.25 44.26
C GLU A 277 -9.44 -7.18 45.31
N LYS A 278 -9.55 -5.92 44.90
CA LYS A 278 -9.72 -4.76 45.77
C LYS A 278 -8.56 -4.59 46.77
N LYS A 279 -7.44 -5.28 46.54
CA LYS A 279 -6.27 -5.18 47.41
C LYS A 279 -5.57 -3.84 47.29
N HIS A 280 -5.87 -3.04 46.26
CA HIS A 280 -5.28 -1.71 46.16
C HIS A 280 -5.91 -0.73 47.14
N LEU A 281 -7.02 -1.11 47.79
CA LEU A 281 -7.65 -0.31 48.83
C LEU A 281 -6.99 -0.47 50.20
N THR A 282 -6.06 -1.41 50.34
CA THR A 282 -5.43 -1.72 51.62
C THR A 282 -4.01 -1.15 51.67
N GLU A 283 -3.46 -1.11 52.90
CA GLU A 283 -2.11 -0.57 53.08
C GLU A 283 -1.05 -1.55 52.60
N GLU A 284 -1.20 -2.83 52.93
CA GLU A 284 -0.23 -3.82 52.49
C GLU A 284 -0.34 -4.09 51.00
N GLY A 285 -1.57 -4.19 50.49
CA GLY A 285 -1.76 -4.42 49.06
C GLY A 285 -1.27 -3.26 48.22
N LEU A 286 -1.37 -2.04 48.73
CA LEU A 286 -0.88 -0.87 48.00
C LEU A 286 0.63 -0.80 48.06
N ASP A 287 1.24 -1.32 49.12
CA ASP A 287 2.70 -1.40 49.19
C ASP A 287 3.25 -2.41 48.19
N GLU A 288 2.53 -3.51 47.97
CA GLU A 288 2.96 -4.50 46.98
C GLU A 288 2.95 -3.91 45.58
N ILE A 289 1.90 -3.14 45.28
CA ILE A 289 1.80 -2.51 43.96
C ILE A 289 2.97 -1.54 43.75
N LYS A 290 3.33 -0.80 44.79
CA LYS A 290 4.45 0.14 44.68
C LYS A 290 5.77 -0.59 44.43
N LYS A 291 5.95 -1.76 45.02
CA LYS A 291 7.18 -2.50 44.83
C LYS A 291 7.26 -3.06 43.41
N ILE A 292 6.11 -3.32 42.79
CA ILE A 292 6.11 -3.74 41.40
C ILE A 292 6.33 -2.57 40.47
N LYS A 293 5.70 -1.42 40.76
CA LYS A 293 5.88 -0.23 39.93
C LYS A 293 7.33 0.24 39.93
N LEU A 294 8.02 0.11 41.07
CA LEU A 294 9.41 0.55 41.13
C LEU A 294 10.30 -0.28 40.22
N ASN A 295 10.01 -1.58 40.09
CA ASN A 295 10.86 -2.47 39.32
C ASN A 295 10.46 -2.60 37.85
N MET A 296 9.42 -1.89 37.40
CA MET A 296 9.01 -1.95 36.01
C MET A 296 9.44 -0.68 35.28
N ASN A 297 9.49 -0.77 33.96
CA ASN A 297 9.78 0.35 33.04
C ASN A 297 11.16 0.91 33.37
N LYS A 298 11.32 2.21 33.58
CA LYS A 298 12.65 2.79 33.79
C LYS A 298 13.31 2.32 35.08
N GLY A 299 12.62 1.54 35.90
CA GLY A 299 13.15 0.98 37.12
C GLY A 299 13.58 -0.47 37.02
N ARG A 300 13.50 -1.07 35.83
CA ARG A 300 13.85 -2.48 35.68
C ARG A 300 15.36 -2.65 35.80
N VAL A 301 15.76 -3.83 36.30
CA VAL A 301 17.15 -4.07 36.70
C VAL A 301 18.01 -4.50 35.52
N PHE A 302 17.52 -4.32 34.30
CA PHE A 302 18.29 -4.68 33.11
C PHE A 302 17.69 -4.07 31.86
N ARG D 6 -26.58 -13.50 -13.64
CA ARG D 6 -25.50 -13.14 -12.70
C ARG D 6 -24.40 -14.21 -12.68
N GLU D 7 -23.21 -13.83 -12.20
CA GLU D 7 -22.07 -14.73 -12.09
C GLU D 7 -20.95 -14.09 -11.29
N SER D 8 -20.80 -14.49 -10.02
CA SER D 8 -19.81 -13.91 -9.13
C SER D 8 -18.39 -14.10 -9.68
N ILE D 9 -17.49 -13.21 -9.24
CA ILE D 9 -16.14 -13.17 -9.78
C ILE D 9 -15.13 -13.17 -8.65
N ASN D 10 -13.94 -13.63 -8.97
CA ASN D 10 -12.89 -13.76 -7.96
C ASN D 10 -12.38 -12.38 -7.54
N PRO D 11 -12.13 -12.19 -6.24
CA PRO D 11 -11.75 -10.84 -5.76
C PRO D 11 -10.43 -10.33 -6.32
N TRP D 12 -9.46 -11.20 -6.58
CA TRP D 12 -8.21 -10.73 -7.16
C TRP D 12 -8.40 -10.33 -8.61
N ILE D 13 -9.18 -11.09 -9.36
CA ILE D 13 -9.53 -10.70 -10.73
C ILE D 13 -10.20 -9.34 -10.71
N LEU D 14 -11.00 -9.09 -9.67
CA LEU D 14 -11.72 -7.82 -9.58
C LEU D 14 -10.76 -6.67 -9.31
N THR D 15 -9.80 -6.87 -8.41
CA THR D 15 -8.80 -5.84 -8.14
C THR D 15 -7.97 -5.55 -9.38
N GLY D 16 -7.55 -6.60 -10.09
CA GLY D 16 -6.81 -6.39 -11.33
C GLY D 16 -7.61 -5.58 -12.33
N PHE D 17 -8.89 -5.92 -12.51
CA PHE D 17 -9.72 -5.11 -13.38
C PHE D 17 -9.85 -3.69 -12.82
N ALA D 18 -9.99 -3.56 -11.50
CA ALA D 18 -10.10 -2.23 -10.91
C ALA D 18 -8.81 -1.44 -11.04
N ASP D 19 -7.67 -2.11 -11.09
CA ASP D 19 -6.43 -1.39 -11.38
C ASP D 19 -6.45 -0.84 -12.80
N ALA D 20 -7.02 -1.61 -13.73
CA ALA D 20 -7.12 -1.19 -15.12
C ALA D 20 -8.17 -0.09 -15.34
N GLU D 21 -9.45 -0.48 -15.34
CA GLU D 21 -10.56 0.42 -15.65
C GLU D 21 -11.19 1.12 -14.45
N GLY D 22 -10.76 0.84 -13.23
CA GLY D 22 -11.36 1.45 -12.07
C GLY D 22 -11.01 2.91 -11.88
N SER D 23 -11.83 3.60 -11.09
CA SER D 23 -11.59 5.02 -10.82
C SER D 23 -12.29 5.42 -9.52
N PHE D 24 -11.66 6.34 -8.79
CA PHE D 24 -12.18 6.85 -7.52
C PHE D 24 -12.55 8.32 -7.65
N LEU D 25 -13.69 8.69 -7.05
CA LEU D 25 -14.25 10.04 -7.18
C LEU D 25 -14.48 10.73 -5.84
N LEU D 26 -14.14 12.01 -5.81
CA LEU D 26 -14.51 12.86 -4.69
C LEU D 26 -14.93 14.23 -5.20
N ARG D 27 -16.18 14.57 -4.96
CA ARG D 27 -16.80 15.82 -5.40
C ARG D 27 -16.98 16.74 -4.21
N ILE D 28 -16.58 18.01 -4.38
CA ILE D 28 -16.81 19.05 -3.37
C ILE D 28 -17.47 20.19 -4.12
N ARG D 29 -18.80 20.25 -4.05
CA ARG D 29 -19.60 21.15 -4.86
C ARG D 29 -20.20 22.28 -4.02
N LYS D 30 -20.15 23.49 -4.56
CA LYS D 30 -20.83 24.62 -3.92
C LYS D 30 -22.34 24.37 -3.96
N ASN D 31 -23.02 24.65 -2.84
CA ASN D 31 -24.44 24.33 -2.70
C ASN D 31 -25.09 25.28 -1.71
N ASN D 32 -26.08 26.08 -2.13
CA ASN D 32 -26.65 27.02 -1.16
C ASN D 32 -27.30 26.29 0.00
N LYS D 33 -28.00 25.19 -0.28
CA LYS D 33 -28.79 24.49 0.74
C LYS D 33 -27.92 23.76 1.75
N SER D 34 -26.59 23.77 1.62
CA SER D 34 -25.71 23.18 2.63
C SER D 34 -25.29 24.26 3.63
N SER D 35 -25.15 23.86 4.89
CA SER D 35 -24.88 24.84 5.94
C SER D 35 -23.50 25.47 5.80
N VAL D 36 -22.48 24.68 5.49
CA VAL D 36 -21.13 25.20 5.34
C VAL D 36 -20.90 25.59 3.88
N GLY D 37 -21.98 25.58 3.09
CA GLY D 37 -21.91 25.99 1.70
C GLY D 37 -21.40 24.95 0.73
N TYR D 38 -21.10 23.73 1.19
CA TYR D 38 -20.61 22.68 0.31
C TYR D 38 -21.25 21.35 0.67
N SER D 39 -21.53 20.56 -0.37
CA SER D 39 -21.94 19.18 -0.25
C SER D 39 -20.86 18.29 -0.86
N THR D 40 -20.83 17.03 -0.42
CA THR D 40 -19.80 16.10 -0.84
C THR D 40 -20.42 14.88 -1.51
N GLU D 41 -19.62 14.23 -2.35
CA GLU D 41 -19.97 12.96 -2.96
C GLU D 41 -18.68 12.16 -3.12
N LEU D 42 -18.70 10.91 -2.63
CA LEU D 42 -17.53 10.06 -2.63
C LEU D 42 -17.88 8.69 -3.20
N GLY D 43 -16.99 8.11 -3.98
CA GLY D 43 -17.24 6.76 -4.46
C GLY D 43 -16.24 6.29 -5.50
N PHE D 44 -16.61 5.16 -6.11
CA PHE D 44 -15.76 4.41 -7.04
C PHE D 44 -16.59 4.04 -8.27
N GLN D 45 -15.98 4.10 -9.45
CA GLN D 45 -16.76 3.92 -10.67
C GLN D 45 -15.93 3.24 -11.75
N ILE D 46 -16.63 2.50 -12.62
CA ILE D 46 -16.07 1.87 -13.81
C ILE D 46 -16.98 2.15 -15.00
N THR D 47 -16.38 2.51 -16.13
CA THR D 47 -17.11 2.82 -17.35
C THR D 47 -16.56 1.98 -18.50
N LEU D 48 -17.38 1.08 -19.03
CA LEU D 48 -16.99 0.22 -20.14
C LEU D 48 -17.88 0.48 -21.35
N HIS D 49 -17.49 -0.12 -22.47
CA HIS D 49 -18.34 -0.15 -23.66
C HIS D 49 -19.59 -0.97 -23.37
N ASN D 50 -20.66 -0.62 -24.10
CA ASN D 50 -21.92 -1.37 -23.98
C ASN D 50 -21.71 -2.87 -24.13
N LYS D 51 -20.89 -3.28 -25.09
CA LYS D 51 -20.50 -4.68 -25.26
C LYS D 51 -20.21 -5.37 -23.93
N ASP D 52 -19.55 -4.69 -23.00
CA ASP D 52 -19.07 -5.31 -21.77
C ASP D 52 -19.89 -4.88 -20.55
N LYS D 53 -21.17 -4.56 -20.77
CA LYS D 53 -22.05 -4.28 -19.64
C LYS D 53 -22.20 -5.48 -18.74
N SER D 54 -21.96 -6.68 -19.27
CA SER D 54 -22.02 -7.91 -18.48
C SER D 54 -20.97 -7.91 -17.37
N ILE D 55 -19.80 -7.30 -17.61
CA ILE D 55 -18.76 -7.26 -16.59
C ILE D 55 -19.25 -6.52 -15.36
N LEU D 56 -19.83 -5.34 -15.56
CA LEU D 56 -20.25 -4.55 -14.40
C LEU D 56 -21.49 -5.13 -13.72
N GLU D 57 -22.23 -6.00 -14.38
CA GLU D 57 -23.31 -6.72 -13.70
C GLU D 57 -22.76 -7.79 -12.78
N ASN D 58 -21.66 -8.44 -13.18
CA ASN D 58 -21.02 -9.41 -12.30
C ASN D 58 -20.37 -8.74 -11.10
N ILE D 59 -19.80 -7.55 -11.30
CA ILE D 59 -19.20 -6.82 -10.19
C ILE D 59 -20.29 -6.31 -9.25
N GLN D 60 -21.34 -5.70 -9.82
CA GLN D 60 -22.47 -5.24 -9.01
C GLN D 60 -23.06 -6.37 -8.20
N SER D 61 -23.09 -7.59 -8.76
CA SER D 61 -23.63 -8.74 -8.05
C SER D 61 -22.64 -9.30 -7.04
N THR D 62 -21.34 -9.24 -7.33
CA THR D 62 -20.36 -9.76 -6.39
C THR D 62 -20.25 -8.89 -5.15
N TRP D 63 -20.33 -7.57 -5.32
CA TRP D 63 -20.29 -6.64 -4.19
C TRP D 63 -21.66 -6.40 -3.57
N GLY D 64 -22.74 -6.68 -4.29
CA GLY D 64 -24.07 -6.36 -3.82
C GLY D 64 -24.39 -4.88 -3.74
N VAL D 65 -23.61 -4.04 -4.42
CA VAL D 65 -23.77 -2.58 -4.38
C VAL D 65 -23.48 -2.02 -5.76
N GLY D 66 -23.87 -0.78 -5.96
CA GLY D 66 -23.57 -0.11 -7.21
C GLY D 66 -24.81 0.08 -8.07
N VAL D 67 -24.82 1.16 -8.84
CA VAL D 67 -25.87 1.43 -9.81
C VAL D 67 -25.26 1.46 -11.21
N ILE D 68 -26.00 0.90 -12.16
CA ILE D 68 -25.56 0.82 -13.56
C ILE D 68 -26.44 1.76 -14.36
N ALA D 69 -25.82 2.53 -15.25
CA ALA D 69 -26.55 3.49 -16.05
C ALA D 69 -25.73 3.79 -17.29
N ASN D 70 -26.42 4.19 -18.35
CA ASN D 70 -25.72 4.56 -19.57
C ASN D 70 -24.78 5.73 -19.31
N SER D 71 -23.58 5.66 -19.87
CA SER D 71 -22.64 6.77 -19.90
C SER D 71 -22.63 7.40 -21.29
N GLY D 72 -23.80 7.55 -21.88
CA GLY D 72 -23.94 7.92 -23.26
C GLY D 72 -24.50 6.74 -24.04
N ASP D 73 -24.43 6.84 -25.36
CA ASP D 73 -24.99 5.80 -26.21
C ASP D 73 -24.04 4.61 -26.35
N ASN D 74 -22.73 4.86 -26.32
CA ASN D 74 -21.76 3.81 -26.58
C ASN D 74 -21.08 3.28 -25.32
N ALA D 75 -21.44 3.80 -24.15
CA ALA D 75 -20.74 3.46 -22.92
C ALA D 75 -21.73 3.23 -21.78
N VAL D 76 -21.35 2.32 -20.89
CA VAL D 76 -22.13 2.01 -19.69
C VAL D 76 -21.24 2.21 -18.47
N SER D 77 -21.84 2.72 -17.40
CA SER D 77 -21.11 3.07 -16.19
C SER D 77 -21.66 2.29 -14.99
N LEU D 78 -20.74 1.85 -14.11
CA LEU D 78 -21.11 1.28 -12.82
C LEU D 78 -20.53 2.18 -11.74
N LYS D 79 -21.40 2.80 -10.94
CA LYS D 79 -21.02 3.78 -9.92
C LYS D 79 -21.50 3.32 -8.55
N VAL D 80 -20.64 3.52 -7.54
CA VAL D 80 -20.96 3.23 -6.15
C VAL D 80 -20.71 4.51 -5.37
N THR D 81 -21.77 5.09 -4.82
CA THR D 81 -21.68 6.37 -4.13
C THR D 81 -22.29 6.32 -2.74
N ARG D 82 -23.32 5.50 -2.56
CA ARG D 82 -23.97 5.37 -1.25
C ARG D 82 -22.96 5.09 -0.16
N PHE D 83 -22.95 5.97 0.84
CA PHE D 83 -21.85 5.98 1.81
C PHE D 83 -21.73 4.64 2.52
N GLU D 84 -22.85 4.04 2.91
CA GLU D 84 -22.79 2.74 3.56
C GLU D 84 -22.28 1.65 2.62
N ASP D 85 -22.47 1.83 1.31
CA ASP D 85 -22.02 0.82 0.36
C ASP D 85 -20.52 0.88 0.13
N LEU D 86 -19.86 1.99 0.44
CA LEU D 86 -18.42 2.05 0.26
C LEU D 86 -17.67 1.26 1.31
N LYS D 87 -18.33 0.86 2.40
CA LYS D 87 -17.72 -0.08 3.34
C LYS D 87 -17.41 -1.41 2.65
N VAL D 88 -18.29 -1.84 1.74
CA VAL D 88 -18.01 -3.05 0.98
C VAL D 88 -16.82 -2.82 0.05
N ILE D 89 -16.71 -1.62 -0.52
CA ILE D 89 -15.57 -1.29 -1.37
C ILE D 89 -14.28 -1.32 -0.56
N ILE D 90 -14.28 -0.65 0.60
CA ILE D 90 -13.06 -0.52 1.38
C ILE D 90 -12.63 -1.88 1.94
N ASP D 91 -13.59 -2.69 2.40
CA ASP D 91 -13.25 -3.99 2.95
C ASP D 91 -12.62 -4.89 1.90
N HIS D 92 -13.10 -4.82 0.65
CA HIS D 92 -12.51 -5.63 -0.41
C HIS D 92 -11.11 -5.15 -0.75
N PHE D 93 -10.92 -3.83 -0.87
CA PHE D 93 -9.62 -3.32 -1.26
C PHE D 93 -8.61 -3.38 -0.12
N GLU D 94 -9.07 -3.49 1.13
CA GLU D 94 -8.14 -3.73 2.22
C GLU D 94 -7.62 -5.16 2.18
N LYS D 95 -8.47 -6.11 1.81
CA LYS D 95 -8.03 -7.50 1.71
C LYS D 95 -7.35 -7.79 0.38
N TYR D 96 -7.70 -7.04 -0.68
CA TYR D 96 -7.17 -7.26 -2.03
C TYR D 96 -6.76 -5.92 -2.61
N PRO D 97 -5.59 -5.41 -2.24
CA PRO D 97 -5.25 -4.02 -2.56
C PRO D 97 -4.78 -3.82 -3.99
N LEU D 98 -5.06 -2.62 -4.50
CA LEU D 98 -4.53 -2.21 -5.78
C LEU D 98 -3.03 -2.03 -5.70
N ILE D 99 -2.37 -2.18 -6.85
CA ILE D 99 -0.91 -2.12 -6.88
C ILE D 99 -0.41 -1.09 -7.88
N THR D 100 -1.31 -0.53 -8.68
CA THR D 100 -0.91 0.54 -9.58
C THR D 100 -0.85 1.85 -8.81
N GLN D 101 -0.56 2.94 -9.53
CA GLN D 101 -0.57 4.25 -8.89
C GLN D 101 -1.98 4.63 -8.42
N LYS D 102 -3.01 3.95 -8.93
CA LYS D 102 -4.36 4.13 -8.43
C LYS D 102 -4.50 3.77 -6.96
N TYR D 103 -3.59 2.93 -6.43
CA TYR D 103 -3.61 2.59 -5.02
C TYR D 103 -3.49 3.85 -4.16
N ALA D 104 -2.72 4.83 -4.61
CA ALA D 104 -2.67 6.11 -3.91
C ALA D 104 -4.03 6.82 -3.98
N ASP D 105 -4.65 6.81 -5.16
CA ASP D 105 -5.99 7.37 -5.30
C ASP D 105 -6.97 6.68 -4.37
N TYR D 106 -6.86 5.36 -4.24
CA TYR D 106 -7.74 4.64 -3.32
C TYR D 106 -7.53 5.08 -1.88
N MET D 107 -6.27 5.26 -1.48
CA MET D 107 -5.98 5.63 -0.09
C MET D 107 -6.50 7.02 0.23
N LEU D 108 -6.39 7.95 -0.72
CA LEU D 108 -7.03 9.25 -0.57
C LEU D 108 -8.53 9.09 -0.40
N PHE D 109 -9.14 8.25 -1.25
CA PHE D 109 -10.55 7.93 -1.14
C PHE D 109 -10.88 7.38 0.24
N LYS D 110 -10.01 6.53 0.79
CA LYS D 110 -10.24 5.99 2.12
C LYS D 110 -10.09 7.06 3.18
N GLN D 111 -9.10 7.94 3.05
CA GLN D 111 -8.95 9.05 3.99
C GLN D 111 -10.19 9.93 3.98
N ALA D 112 -10.73 10.23 2.80
CA ALA D 112 -11.96 11.02 2.75
C ALA D 112 -13.12 10.28 3.40
N PHE D 113 -13.12 8.95 3.31
CA PHE D 113 -14.18 8.18 3.96
C PHE D 113 -14.18 8.42 5.47
N ASN D 114 -13.00 8.40 6.08
CA ASN D 114 -12.92 8.65 7.52
C ASN D 114 -13.39 10.06 7.85
N VAL D 115 -12.99 11.04 7.05
CA VAL D 115 -13.54 12.39 7.16
C VAL D 115 -15.06 12.33 7.24
N MET D 116 -15.68 11.81 6.19
CA MET D 116 -17.14 11.81 6.11
C MET D 116 -17.80 10.89 7.13
N GLU D 117 -17.14 9.79 7.49
CA GLU D 117 -17.69 8.90 8.52
C GLU D 117 -17.82 9.62 9.86
N ASN D 118 -16.81 10.41 10.23
CA ASN D 118 -16.87 11.21 11.45
C ASN D 118 -17.71 12.46 11.28
N LYS D 119 -18.52 12.54 10.23
CA LYS D 119 -19.42 13.66 9.96
C LYS D 119 -18.68 14.99 9.86
N GLU D 120 -17.37 14.96 9.62
CA GLU D 120 -16.58 16.18 9.56
C GLU D 120 -16.84 16.96 8.26
N HIS D 121 -17.41 16.32 7.25
CA HIS D 121 -17.71 17.03 6.00
C HIS D 121 -18.78 18.08 6.19
N LEU D 122 -19.55 18.02 7.27
CA LEU D 122 -20.50 19.08 7.61
C LEU D 122 -19.83 20.23 8.35
N THR D 123 -18.50 20.24 8.39
CA THR D 123 -17.72 21.30 9.01
C THR D 123 -16.90 22.00 7.93
N ILE D 124 -16.69 23.31 8.11
CA ILE D 124 -15.88 24.06 7.16
C ILE D 124 -14.44 23.56 7.17
N GLU D 125 -13.93 23.20 8.35
CA GLU D 125 -12.58 22.66 8.45
C GLU D 125 -12.51 21.28 7.81
N GLY D 126 -13.56 20.47 7.97
CA GLY D 126 -13.61 19.18 7.29
C GLY D 126 -13.69 19.30 5.79
N ILE D 127 -14.35 20.34 5.29
CA ILE D 127 -14.34 20.61 3.85
C ILE D 127 -12.93 20.95 3.40
N LYS D 128 -12.19 21.69 4.22
CA LYS D 128 -10.82 22.07 3.86
C LYS D 128 -9.90 20.85 3.79
N GLU D 129 -10.04 19.92 4.73
CA GLU D 129 -9.26 18.69 4.63
C GLU D 129 -9.63 17.89 3.39
N LEU D 130 -10.92 17.89 3.02
CA LEU D 130 -11.36 17.20 1.82
C LEU D 130 -10.82 17.86 0.56
N VAL D 131 -10.67 19.19 0.57
CA VAL D 131 -10.04 19.86 -0.56
C VAL D 131 -8.55 19.54 -0.60
N ARG D 132 -7.93 19.30 0.56
CA ARG D 132 -6.53 18.89 0.57
C ARG D 132 -6.37 17.45 0.12
N ILE D 133 -7.36 16.59 0.39
CA ILE D 133 -7.28 15.23 -0.14
C ILE D 133 -7.53 15.24 -1.64
N LYS D 134 -8.47 16.06 -2.10
CA LYS D 134 -8.78 16.15 -3.52
C LYS D 134 -7.61 16.67 -4.34
N ALA D 135 -6.80 17.56 -3.75
CA ALA D 135 -5.68 18.15 -4.49
C ALA D 135 -4.70 17.09 -4.97
N LYS D 136 -4.58 15.97 -4.25
CA LYS D 136 -3.68 14.89 -4.63
C LYS D 136 -4.38 13.76 -5.37
N LEU D 137 -5.71 13.80 -5.47
CA LEU D 137 -6.47 12.71 -6.07
C LEU D 137 -6.71 12.98 -7.54
N ASN D 138 -6.35 12.00 -8.39
CA ASN D 138 -6.59 12.04 -9.83
C ASN D 138 -6.07 13.36 -10.39
N TRP D 139 -6.87 14.12 -11.13
CA TRP D 139 -6.44 15.35 -11.77
C TRP D 139 -6.49 16.56 -10.82
N GLY D 140 -6.71 16.33 -9.53
CA GLY D 140 -6.59 17.41 -8.57
C GLY D 140 -7.82 18.29 -8.51
N LEU D 141 -7.59 19.55 -8.12
CA LEU D 141 -8.67 20.49 -7.86
C LEU D 141 -9.23 21.07 -9.15
N THR D 142 -10.51 21.41 -9.09
CA THR D 142 -11.20 22.12 -10.15
C THR D 142 -10.77 23.58 -10.14
N ASP D 143 -10.99 24.27 -11.26
CA ASP D 143 -10.82 25.72 -11.28
C ASP D 143 -11.68 26.37 -10.20
N GLU D 144 -12.89 25.86 -10.02
CA GLU D 144 -13.78 26.41 -9.01
C GLU D 144 -13.22 26.18 -7.61
N LEU D 145 -12.73 24.97 -7.33
CA LEU D 145 -12.20 24.71 -6.00
C LEU D 145 -10.85 25.39 -5.79
N LYS D 146 -10.06 25.54 -6.85
CA LYS D 146 -8.82 26.30 -6.71
C LYS D 146 -9.11 27.76 -6.39
N LYS D 147 -10.10 28.34 -7.07
CA LYS D 147 -10.44 29.74 -6.80
C LYS D 147 -11.01 29.91 -5.41
N ALA D 148 -11.84 28.96 -4.96
CA ALA D 148 -12.43 29.05 -3.63
C ALA D 148 -11.43 28.78 -2.52
N PHE D 149 -10.35 28.05 -2.79
CA PHE D 149 -9.34 27.71 -1.80
C PHE D 149 -7.97 28.01 -2.37
N PRO D 150 -7.57 29.29 -2.39
CA PRO D 150 -6.25 29.65 -2.93
C PRO D 150 -5.10 29.25 -2.02
N GLU D 151 -5.37 28.84 -0.79
CA GLU D 151 -4.31 28.43 0.12
C GLU D 151 -3.93 26.97 -0.04
N ILE D 152 -4.76 26.18 -0.72
CA ILE D 152 -4.49 24.77 -0.99
C ILE D 152 -3.87 24.62 -2.37
N SER D 154 -3.68 22.23 -5.56
CA SER D 154 -2.50 21.82 -6.30
C SER D 154 -1.54 21.01 -5.41
N LYS D 155 -1.39 19.72 -5.72
CA LYS D 155 -0.29 18.87 -5.25
C LYS D 155 0.02 17.85 -6.36
N GLU D 156 1.03 16.99 -6.11
CA GLU D 156 1.47 16.03 -7.13
C GLU D 156 2.15 14.83 -6.49
N ARG D 157 1.56 14.31 -5.41
CA ARG D 157 2.09 13.17 -4.68
C ARG D 157 1.35 11.90 -5.05
N SER D 158 2.10 10.86 -5.45
CA SER D 158 1.54 9.54 -5.74
C SER D 158 2.58 8.52 -6.18
N LEU D 159 3.53 8.14 -5.30
CA LEU D 159 4.51 7.10 -5.65
C LEU D 159 4.06 5.77 -5.03
N ILE D 160 3.73 4.80 -5.88
CA ILE D 160 3.32 3.47 -5.48
C ILE D 160 4.28 2.47 -6.11
N ASN D 161 4.70 1.47 -5.33
CA ASN D 161 5.59 0.42 -5.84
C ASN D 161 5.26 -0.88 -5.10
N LYS D 162 4.44 -1.72 -5.72
CA LYS D 162 4.11 -3.03 -5.17
C LYS D 162 4.29 -4.08 -6.26
N ASN D 163 4.52 -5.31 -5.81
CA ASN D 163 4.63 -6.42 -6.72
C ASN D 163 3.25 -6.98 -7.05
N ILE D 164 3.19 -7.72 -8.15
CA ILE D 164 1.96 -8.39 -8.55
C ILE D 164 1.60 -9.38 -7.45
N PRO D 165 0.50 -9.17 -6.73
CA PRO D 165 0.21 -9.99 -5.56
C PRO D 165 -0.40 -11.34 -5.86
N ASN D 166 -0.87 -11.59 -7.07
CA ASN D 166 -1.60 -12.81 -7.34
C ASN D 166 -1.66 -13.06 -8.84
N PHE D 167 -1.73 -14.34 -9.22
CA PHE D 167 -1.94 -14.67 -10.62
C PHE D 167 -3.26 -14.13 -11.13
N LYS D 168 -4.31 -14.26 -10.30
CA LYS D 168 -5.62 -13.76 -10.70
C LYS D 168 -5.63 -12.24 -10.85
N TRP D 169 -4.73 -11.53 -10.17
CA TRP D 169 -4.63 -10.10 -10.39
C TRP D 169 -4.29 -9.80 -11.84
N LEU D 170 -3.25 -10.48 -12.36
CA LEU D 170 -2.85 -10.27 -13.75
C LEU D 170 -3.96 -10.64 -14.72
N ALA D 171 -4.76 -11.66 -14.38
CA ALA D 171 -5.88 -12.02 -15.25
C ALA D 171 -6.90 -10.88 -15.31
N GLY D 172 -7.13 -10.20 -14.19
CA GLY D 172 -8.05 -9.08 -14.21
C GLY D 172 -7.48 -7.86 -14.89
N PHE D 173 -6.20 -7.57 -14.65
CA PHE D 173 -5.54 -6.47 -15.32
C PHE D 173 -5.50 -6.69 -16.84
N THR D 174 -5.25 -7.93 -17.27
CA THR D 174 -5.24 -8.23 -18.69
C THR D 174 -6.65 -8.23 -19.28
N SER D 175 -7.68 -8.51 -18.49
CA SER D 175 -9.03 -8.37 -19.02
C SER D 175 -9.37 -6.91 -19.31
N GLY D 176 -8.70 -5.97 -18.66
CA GLY D 176 -8.90 -4.56 -18.93
C GLY D 176 -7.87 -4.06 -19.92
N GLU D 177 -6.60 -4.16 -19.55
CA GLU D 177 -5.52 -3.71 -20.42
C GLU D 177 -5.01 -4.90 -21.21
N GLY D 178 -4.40 -4.64 -22.34
CA GLY D 178 -3.91 -5.81 -23.02
C GLY D 178 -4.63 -6.06 -24.32
N CYS D 179 -3.96 -6.79 -25.19
CA CYS D 179 -4.45 -7.05 -26.54
C CYS D 179 -3.93 -8.38 -27.05
N PHE D 180 -4.83 -9.24 -27.50
CA PHE D 180 -4.48 -10.50 -28.14
C PHE D 180 -4.65 -10.28 -29.64
N PHE D 181 -3.53 -10.14 -30.33
CA PHE D 181 -3.49 -9.61 -31.68
C PHE D 181 -2.85 -10.61 -32.64
N VAL D 182 -3.35 -10.63 -33.87
CA VAL D 182 -2.82 -11.43 -34.96
C VAL D 182 -2.19 -10.47 -35.96
N ASN D 183 -0.85 -10.47 -36.04
CA ASN D 183 -0.12 -9.59 -36.95
C ASN D 183 0.13 -10.29 -38.27
N LEU D 184 0.08 -9.52 -39.35
CA LEU D 184 0.31 -10.04 -40.71
C LEU D 184 1.41 -9.20 -41.35
N ILE D 185 2.65 -9.65 -41.19
CA ILE D 185 3.80 -8.90 -41.71
C ILE D 185 3.91 -9.20 -43.20
N LYS D 186 3.54 -8.22 -44.03
CA LYS D 186 3.54 -8.42 -45.46
C LYS D 186 4.95 -8.28 -46.02
N SER D 187 5.31 -9.20 -46.93
CA SER D 187 6.60 -9.20 -47.59
C SER D 187 6.41 -9.68 -49.02
N LYS D 188 7.50 -9.72 -49.78
CA LYS D 188 7.51 -10.22 -51.15
C LYS D 188 7.70 -11.73 -51.22
N SER D 189 7.18 -12.47 -50.26
CA SER D 189 7.37 -13.90 -50.21
C SER D 189 6.38 -14.60 -51.14
N LYS D 190 6.50 -15.92 -51.24
CA LYS D 190 5.55 -16.69 -52.02
C LYS D 190 4.14 -16.55 -51.45
N LEU D 191 4.00 -16.73 -50.13
CA LEU D 191 2.72 -16.49 -49.47
C LEU D 191 2.40 -15.01 -49.40
N GLY D 192 3.41 -14.17 -49.19
CA GLY D 192 3.27 -12.72 -49.12
C GLY D 192 3.17 -12.18 -47.72
N VAL D 193 2.77 -13.01 -46.77
CA VAL D 193 2.52 -12.64 -45.39
C VAL D 193 3.19 -13.62 -44.42
N GLN D 194 3.74 -13.08 -43.34
CA GLN D 194 4.19 -13.82 -42.18
C GLN D 194 3.24 -13.53 -41.03
N VAL D 195 2.69 -14.58 -40.43
CA VAL D 195 1.75 -14.44 -39.33
C VAL D 195 2.53 -14.45 -38.02
N GLN D 196 2.32 -13.42 -37.19
CA GLN D 196 3.01 -13.28 -35.92
C GLN D 196 1.99 -12.98 -34.83
N LEU D 197 1.88 -13.88 -33.87
CA LEU D 197 1.03 -13.64 -32.71
C LEU D 197 1.74 -12.69 -31.77
N VAL D 198 1.02 -11.66 -31.34
CA VAL D 198 1.55 -10.63 -30.43
C VAL D 198 0.61 -10.49 -29.26
N PHE D 199 1.16 -10.53 -28.05
CA PHE D 199 0.43 -10.25 -26.82
C PHE D 199 1.04 -9.00 -26.20
N SER D 200 0.21 -8.02 -25.90
CA SER D 200 0.66 -6.73 -25.38
C SER D 200 -0.15 -6.35 -24.17
N ILE D 201 0.49 -5.64 -23.24
CA ILE D 201 -0.17 -4.98 -22.12
C ILE D 201 0.29 -3.54 -22.09
N THR D 202 -0.65 -2.61 -22.09
CA THR D 202 -0.39 -1.18 -22.27
C THR D 202 -0.65 -0.42 -20.97
N GLN D 203 0.20 0.57 -20.69
CA GLN D 203 0.06 1.36 -19.47
C GLN D 203 0.93 2.60 -19.55
N HIS D 204 0.44 3.67 -18.93
CA HIS D 204 1.20 4.91 -18.81
C HIS D 204 2.54 4.66 -18.14
N ILE D 205 3.50 5.56 -18.38
CA ILE D 205 4.85 5.40 -17.86
C ILE D 205 4.91 5.66 -16.36
N ARG D 206 3.81 6.08 -15.75
CA ARG D 206 3.79 6.24 -14.29
C ARG D 206 3.98 4.91 -13.59
N ASP D 207 3.66 3.80 -14.24
CA ASP D 207 3.85 2.49 -13.63
C ASP D 207 4.89 1.70 -14.42
N LYS D 208 6.01 2.35 -14.75
CA LYS D 208 7.05 1.69 -15.53
C LYS D 208 7.62 0.48 -14.81
N ASN D 209 7.88 0.61 -13.50
CA ASN D 209 8.49 -0.51 -12.77
C ASN D 209 7.57 -1.70 -12.69
N LEU D 210 6.26 -1.49 -12.61
CA LEU D 210 5.35 -2.62 -12.63
C LEU D 210 5.32 -3.27 -14.02
N MET D 211 5.41 -2.46 -15.07
CA MET D 211 5.47 -3.03 -16.42
C MET D 211 6.75 -3.82 -16.63
N ASN D 212 7.87 -3.31 -16.13
CA ASN D 212 9.13 -4.04 -16.22
C ASN D 212 9.01 -5.38 -15.50
N SER D 213 8.31 -5.40 -14.36
CA SER D 213 8.22 -6.63 -13.58
C SER D 213 7.51 -7.74 -14.34
N LEU D 214 6.70 -7.41 -15.35
CA LEU D 214 6.02 -8.45 -16.11
C LEU D 214 7.01 -9.38 -16.80
N ILE D 215 8.18 -8.87 -17.19
CA ILE D 215 9.16 -9.72 -17.86
C ILE D 215 9.60 -10.85 -16.95
N THR D 216 9.84 -10.55 -15.67
CA THR D 216 10.21 -11.60 -14.72
C THR D 216 9.00 -12.44 -14.31
N TYR D 217 7.84 -11.79 -14.14
CA TYR D 217 6.67 -12.50 -13.66
C TYR D 217 6.27 -13.62 -14.62
N LEU D 218 6.31 -13.36 -15.93
CA LEU D 218 5.93 -14.37 -16.91
C LEU D 218 7.12 -15.00 -17.61
N GLY D 219 8.34 -14.58 -17.30
CA GLY D 219 9.51 -15.20 -17.88
C GLY D 219 9.65 -15.00 -19.37
N CYS D 220 9.17 -13.88 -19.89
CA CYS D 220 9.23 -13.59 -21.32
C CYS D 220 8.86 -12.13 -21.55
N GLY D 221 9.02 -11.68 -22.78
CA GLY D 221 8.57 -10.37 -23.19
C GLY D 221 9.64 -9.30 -23.11
N TYR D 222 9.24 -8.09 -23.47
CA TYR D 222 10.09 -6.91 -23.40
C TYR D 222 9.18 -5.69 -23.36
N ILE D 223 9.78 -4.52 -23.17
CA ILE D 223 9.06 -3.28 -22.98
C ILE D 223 9.27 -2.39 -24.20
N LYS D 224 8.18 -1.83 -24.73
CA LYS D 224 8.24 -0.91 -25.86
C LYS D 224 7.67 0.44 -25.43
N LYS D 225 8.43 1.50 -25.69
CA LYS D 225 8.03 2.87 -25.38
C LYS D 225 7.40 3.51 -26.61
N LYS D 226 6.19 4.02 -26.46
CA LYS D 226 5.49 4.74 -27.52
C LYS D 226 5.20 6.16 -27.06
N ASN D 227 4.85 7.01 -28.02
CA ASN D 227 4.65 8.43 -27.72
C ASN D 227 3.65 9.04 -28.69
N LYS D 228 2.94 10.06 -28.21
CA LYS D 228 2.03 10.83 -29.05
C LYS D 228 2.02 12.26 -28.51
N SER D 229 2.80 13.13 -29.13
CA SER D 229 2.92 14.55 -28.77
C SER D 229 3.40 14.61 -27.32
N GLU D 230 2.69 15.29 -26.41
CA GLU D 230 3.16 15.44 -25.03
C GLU D 230 3.04 14.15 -24.23
N PHE D 231 2.19 13.22 -24.63
CA PHE D 231 1.93 12.01 -23.86
C PHE D 231 2.81 10.86 -24.33
N SER D 232 3.03 9.92 -23.43
CA SER D 232 3.85 8.76 -23.71
C SER D 232 3.44 7.63 -22.78
N TRP D 233 3.53 6.40 -23.29
CA TRP D 233 3.15 5.21 -22.54
C TRP D 233 4.12 4.09 -22.88
N LEU D 234 3.87 2.90 -22.34
CA LEU D 234 4.72 1.74 -22.55
C LEU D 234 3.87 0.54 -22.96
N ASP D 235 4.55 -0.53 -23.39
CA ASP D 235 3.86 -1.76 -23.79
C ASP D 235 4.75 -2.94 -23.45
N PHE D 236 4.20 -3.87 -22.65
CA PHE D 236 4.82 -5.16 -22.43
C PHE D 236 4.39 -6.11 -23.54
N VAL D 237 5.35 -6.56 -24.34
CA VAL D 237 5.07 -7.25 -25.59
C VAL D 237 5.76 -8.61 -25.59
N VAL D 238 5.04 -9.64 -26.02
CA VAL D 238 5.60 -10.96 -26.30
C VAL D 238 5.34 -11.29 -27.76
N THR D 239 6.41 -11.52 -28.51
CA THR D 239 6.34 -11.89 -29.91
C THR D 239 6.98 -13.23 -30.25
N LYS D 240 7.88 -13.74 -29.41
CA LYS D 240 8.43 -15.07 -29.64
C LYS D 240 7.33 -16.11 -29.43
N PHE D 241 7.14 -16.98 -30.43
CA PHE D 241 6.01 -17.89 -30.38
C PHE D 241 6.16 -18.95 -29.29
N SER D 242 7.40 -19.35 -28.97
CA SER D 242 7.60 -20.37 -27.95
C SER D 242 7.11 -19.89 -26.59
N ASP D 243 7.32 -18.61 -26.28
CA ASP D 243 6.81 -18.05 -25.04
C ASP D 243 5.28 -18.00 -25.06
N ILE D 244 4.72 -17.66 -26.23
CA ILE D 244 3.27 -17.57 -26.37
C ILE D 244 2.62 -18.94 -26.18
N ARG D 245 3.26 -19.99 -26.72
CA ARG D 245 2.67 -21.32 -26.65
C ARG D 245 2.86 -21.95 -25.27
N ASP D 246 4.01 -21.70 -24.64
CA ASP D 246 4.36 -22.37 -23.38
C ASP D 246 4.04 -21.56 -22.14
N LYS D 247 3.97 -20.24 -22.23
CA LYS D 247 3.80 -19.41 -21.04
C LYS D 247 2.52 -18.58 -21.10
N ILE D 248 2.36 -17.72 -22.10
CA ILE D 248 1.23 -16.79 -22.10
C ILE D 248 -0.09 -17.53 -22.16
N ILE D 249 -0.26 -18.42 -23.15
CA ILE D 249 -1.53 -19.12 -23.31
C ILE D 249 -1.83 -20.02 -22.12
N PRO D 250 -0.92 -20.86 -21.62
CA PRO D 250 -1.23 -21.66 -20.42
C PRO D 250 -1.54 -20.81 -19.20
N PHE D 251 -0.96 -19.61 -19.10
CA PHE D 251 -1.28 -18.73 -17.98
C PHE D 251 -2.77 -18.38 -17.98
N PHE D 252 -3.25 -17.76 -19.05
CA PHE D 252 -4.63 -17.30 -19.11
C PHE D 252 -5.64 -18.41 -19.30
N GLN D 253 -5.20 -19.61 -19.70
CA GLN D 253 -6.11 -20.75 -19.73
C GLN D 253 -6.46 -21.23 -18.33
N GLU D 254 -5.57 -21.02 -17.36
CA GLU D 254 -5.79 -21.43 -15.98
C GLU D 254 -6.34 -20.29 -15.12
N TYR D 255 -6.03 -19.04 -15.47
CA TYR D 255 -6.61 -17.87 -14.81
C TYR D 255 -7.43 -17.15 -15.89
N THR D 256 -8.72 -17.48 -15.94
CA THR D 256 -9.58 -17.09 -17.05
C THR D 256 -9.79 -15.59 -17.10
N LEU D 257 -9.84 -15.04 -18.31
CA LEU D 257 -10.18 -13.64 -18.51
C LEU D 257 -11.69 -13.46 -18.49
N ILE D 258 -12.11 -12.20 -18.44
CA ILE D 258 -13.52 -11.84 -18.36
C ILE D 258 -13.84 -10.81 -19.44
N GLY D 259 -15.13 -10.72 -19.78
CA GLY D 259 -15.57 -9.77 -20.76
C GLY D 259 -15.37 -10.26 -22.18
N THR D 260 -15.64 -9.37 -23.13
CA THR D 260 -15.51 -9.73 -24.53
C THR D 260 -14.07 -10.06 -24.92
N LYS D 261 -13.09 -9.50 -24.20
CA LYS D 261 -11.69 -9.78 -24.51
C LYS D 261 -11.35 -11.25 -24.37
N LEU D 262 -12.12 -12.01 -23.58
CA LEU D 262 -11.89 -13.45 -23.49
C LEU D 262 -12.11 -14.11 -24.84
N LYS D 263 -13.20 -13.74 -25.54
CA LYS D 263 -13.45 -14.34 -26.85
C LYS D 263 -12.32 -14.06 -27.83
N ASP D 264 -11.69 -12.89 -27.73
CA ASP D 264 -10.51 -12.61 -28.56
C ASP D 264 -9.36 -13.51 -28.17
N PHE D 265 -9.27 -13.90 -26.89
CA PHE D 265 -8.21 -14.81 -26.48
C PHE D 265 -8.44 -16.21 -27.05
N GLU D 266 -9.70 -16.65 -27.08
CA GLU D 266 -10.01 -17.97 -27.62
C GLU D 266 -9.69 -18.05 -29.10
N ASP D 267 -10.02 -17.00 -29.86
CA ASP D 267 -9.63 -16.97 -31.27
C ASP D 267 -8.11 -16.88 -31.42
N TRP D 268 -7.46 -16.15 -30.51
CA TRP D 268 -5.99 -16.09 -30.51
C TRP D 268 -5.39 -17.48 -30.35
N CYS D 269 -5.97 -18.30 -29.47
CA CYS D 269 -5.47 -19.66 -29.30
C CYS D 269 -5.74 -20.53 -30.53
N LYS D 270 -6.88 -20.31 -31.20
CA LYS D 270 -7.14 -21.04 -32.44
C LYS D 270 -6.06 -20.78 -33.48
N VAL D 271 -5.65 -19.52 -33.64
CA VAL D 271 -4.54 -19.22 -34.54
C VAL D 271 -3.25 -19.83 -34.01
N ALA D 272 -3.10 -19.90 -32.68
CA ALA D 272 -1.89 -20.51 -32.12
C ALA D 272 -1.82 -22.00 -32.42
N LYS D 273 -2.94 -22.72 -32.28
CA LYS D 273 -2.94 -24.13 -32.62
C LYS D 273 -2.64 -24.33 -34.10
N LEU D 274 -3.11 -23.41 -34.95
CA LEU D 274 -2.85 -23.54 -36.38
C LEU D 274 -1.38 -23.31 -36.69
N ILE D 275 -0.75 -22.34 -36.00
CA ILE D 275 0.68 -22.09 -36.23
C ILE D 275 1.51 -23.23 -35.68
N GLU D 276 1.13 -23.78 -34.51
CA GLU D 276 1.84 -24.91 -33.94
C GLU D 276 1.84 -26.10 -34.91
N GLU D 277 0.74 -26.30 -35.63
CA GLU D 277 0.67 -27.38 -36.61
C GLU D 277 1.26 -27.00 -37.96
N LYS D 278 2.01 -25.90 -38.02
CA LYS D 278 2.66 -25.42 -39.24
C LYS D 278 1.67 -25.12 -40.36
N LYS D 279 0.37 -25.03 -40.04
CA LYS D 279 -0.61 -24.72 -41.07
C LYS D 279 -0.53 -23.29 -41.55
N HIS D 280 0.19 -22.41 -40.85
CA HIS D 280 0.34 -21.03 -41.28
C HIS D 280 1.28 -20.88 -42.46
N LEU D 281 2.05 -21.91 -42.80
CA LEU D 281 2.92 -21.92 -43.96
C LEU D 281 2.20 -22.28 -45.26
N THR D 282 0.93 -22.68 -45.18
CA THR D 282 0.16 -23.12 -46.34
C THR D 282 -0.84 -22.04 -46.75
N GLU D 283 -1.38 -22.18 -47.96
CA GLU D 283 -2.33 -21.20 -48.46
C GLU D 283 -3.70 -21.35 -47.79
N GLU D 284 -4.15 -22.59 -47.57
CA GLU D 284 -5.44 -22.80 -46.92
C GLU D 284 -5.38 -22.45 -45.44
N GLY D 285 -4.29 -22.82 -44.75
CA GLY D 285 -4.15 -22.47 -43.35
C GLY D 285 -4.04 -20.98 -43.15
N LEU D 286 -3.48 -20.29 -44.14
CA LEU D 286 -3.33 -18.85 -44.05
C LEU D 286 -4.65 -18.13 -44.29
N ASP D 287 -5.51 -18.69 -45.16
CA ASP D 287 -6.80 -18.06 -45.36
C ASP D 287 -7.69 -18.21 -44.13
N GLU D 288 -7.59 -19.37 -43.46
CA GLU D 288 -8.37 -19.56 -42.24
C GLU D 288 -7.90 -18.61 -41.14
N ILE D 289 -6.59 -18.44 -40.98
CA ILE D 289 -6.07 -17.54 -39.95
C ILE D 289 -6.51 -16.11 -40.23
N LYS D 290 -6.48 -15.71 -41.51
CA LYS D 290 -6.93 -14.36 -41.85
C LYS D 290 -8.41 -14.19 -41.55
N LYS D 291 -9.20 -15.26 -41.74
CA LYS D 291 -10.63 -15.18 -41.44
C LYS D 291 -10.89 -15.13 -39.94
N ILE D 292 -9.98 -15.67 -39.13
CA ILE D 292 -10.14 -15.58 -37.69
C ILE D 292 -9.80 -14.18 -37.21
N LYS D 293 -8.77 -13.57 -37.81
CA LYS D 293 -8.40 -12.20 -37.45
C LYS D 293 -9.53 -11.23 -37.74
N LEU D 294 -10.31 -11.48 -38.79
CA LEU D 294 -11.40 -10.57 -39.14
C LEU D 294 -12.43 -10.47 -38.02
N ASN D 295 -12.68 -11.56 -37.29
CA ASN D 295 -13.69 -11.59 -36.24
C ASN D 295 -13.15 -11.19 -34.87
N MET D 296 -11.89 -10.81 -34.77
CA MET D 296 -11.31 -10.45 -33.48
C MET D 296 -11.27 -8.95 -33.30
N ASN D 297 -11.21 -8.55 -32.03
CA ASN D 297 -10.96 -7.17 -31.61
C ASN D 297 -12.03 -6.27 -32.24
N LYS D 298 -11.66 -5.22 -32.96
CA LYS D 298 -12.60 -4.26 -33.51
C LYS D 298 -13.51 -4.88 -34.55
N GLY D 299 -13.32 -6.16 -34.85
CA GLY D 299 -14.15 -6.87 -35.80
C GLY D 299 -15.23 -7.76 -35.23
N ARG D 300 -15.35 -7.89 -33.91
CA ARG D 300 -16.43 -8.70 -33.36
C ARG D 300 -17.77 -7.97 -33.47
N VAL D 301 -18.83 -8.76 -33.62
CA VAL D 301 -20.17 -8.24 -33.89
C VAL D 301 -20.88 -7.90 -32.58
N PHE D 302 -20.12 -7.83 -31.49
CA PHE D 302 -20.65 -7.52 -30.16
C PHE D 302 -21.56 -6.29 -30.14
CA CA G . 7.92 5.11 15.57
CA CA H . 10.02 1.08 21.79
CA CA I . 9.21 3.67 18.91
CA CA J . -6.03 1.89 -17.02
CA CA K . -10.23 -2.33 -21.58
#